data_6VUR
#
_entry.id   6VUR
#
_cell.length_a   174.776
_cell.length_b   174.776
_cell.length_c   123.268
_cell.angle_alpha   90.000
_cell.angle_beta   90.000
_cell.angle_gamma   120.000
#
_symmetry.space_group_name_H-M   'H 3 2'
#
loop_
_entity.id
_entity.type
_entity.pdbx_description
1 polymer 'N-acetyltransferase Eis'
2 non-polymer 2-({[(3S)-1-methylpiperidin-3-yl]methyl}sulfanyl)-5,6,7,8-tetrahydro[1]benzothieno[2,3-d]pyrimidin-4-amine
3 non-polymer 'SULFATE ION'
4 non-polymer GLYCEROL
5 non-polymer DI(HYDROXYETHYL)ETHER
6 non-polymer 'SODIUM ION'
7 non-polymer 'CHLORIDE ION'
8 water water
#
_entity_poly.entity_id   1
_entity_poly.type   'polypeptide(L)'
_entity_poly.pdbx_seq_one_letter_code
;MGSSHHHHHHSSGLVPRGSHMTVTLCSPTEDDWPGMFLLAAASFTDFIGPESATAWRTLVPTDGAVVVRDGAGPGSEVVG
MALYMDLRLTVPGEVVLPTAGLSFVAVAPTHRRRGLLRAMCAELHRRIADSGYPVAALHASEGGIYGRFGYGPATTLHEL
TVDRRFARFHADAPGGGLGGSSVRLVRPTEHRGEFEAIYERWRQQVPGGLLRPQVLWDELLAEAKAAPGGDRESFALLHP
DGYALYRVDRTDLKLARVSELRAVTADAHCALWRALIGLDSMERISIITHPQDPLPHLLTDTRLARTTWRQDGLWLRIMN
VPAALEARGYAHEVGEFSTVLEVSDGGRFALKIGDGRARCTPTDAAAEIEMDRDVLGSLYLGAHRASTLAAANRLRTKDS
QLLRRLDAAFASDVPVQTAFEF
;
_entity_poly.pdbx_strand_id   A
#
# COMPACT_ATOMS: atom_id res chain seq x y z
N VAL A 23 11.69 -32.64 -4.52
CA VAL A 23 11.27 -31.21 -4.66
C VAL A 23 10.02 -31.17 -5.55
N THR A 24 8.84 -31.11 -4.94
CA THR A 24 7.52 -30.97 -5.62
C THR A 24 6.75 -29.81 -4.97
N LEU A 25 5.77 -29.26 -5.70
CA LEU A 25 5.00 -28.05 -5.32
C LEU A 25 3.55 -28.44 -5.06
N CYS A 26 3.05 -28.19 -3.84
CA CYS A 26 1.73 -28.66 -3.34
C CYS A 26 1.03 -27.55 -2.53
N SER A 27 -0.30 -27.59 -2.49
CA SER A 27 -1.12 -26.89 -1.47
C SER A 27 -0.82 -27.51 -0.12
N PRO A 28 -0.46 -26.73 0.92
CA PRO A 28 -0.13 -27.30 2.23
C PRO A 28 -1.36 -27.91 2.91
N THR A 29 -1.14 -29.00 3.65
CA THR A 29 -2.12 -29.59 4.59
C THR A 29 -1.88 -28.96 5.96
N GLU A 30 -2.76 -29.21 6.93
CA GLU A 30 -2.64 -28.66 8.31
C GLU A 30 -1.28 -29.06 8.91
N ASP A 31 -0.76 -30.24 8.53
CA ASP A 31 0.50 -30.83 9.07
C ASP A 31 1.73 -30.07 8.54
N ASP A 32 1.59 -29.31 7.46
CA ASP A 32 2.69 -28.55 6.81
C ASP A 32 2.94 -27.22 7.56
N TRP A 33 1.97 -26.72 8.32
CA TRP A 33 1.99 -25.33 8.84
C TRP A 33 3.08 -25.15 9.91
N PRO A 34 3.35 -26.11 10.82
CA PRO A 34 4.49 -25.99 11.73
C PRO A 34 5.82 -25.77 10.99
N GLY A 35 6.06 -26.53 9.92
CA GLY A 35 7.22 -26.37 9.02
C GLY A 35 7.24 -25.00 8.37
N MET A 36 6.06 -24.45 8.04
CA MET A 36 5.94 -23.12 7.39
C MET A 36 6.26 -22.02 8.41
N PHE A 37 5.78 -22.16 9.66
CA PHE A 37 6.08 -21.21 10.77
C PHE A 37 7.58 -21.24 11.12
N LEU A 38 8.24 -22.40 11.03
CA LEU A 38 9.71 -22.48 11.25
C LEU A 38 10.41 -21.68 10.15
N LEU A 39 10.09 -21.92 8.87
CA LEU A 39 10.68 -21.16 7.75
C LEU A 39 10.37 -19.66 7.90
N ALA A 40 9.17 -19.33 8.41
CA ALA A 40 8.71 -17.94 8.64
C ALA A 40 9.60 -17.26 9.69
N ALA A 41 9.78 -17.90 10.84
CA ALA A 41 10.61 -17.39 11.96
C ALA A 41 12.05 -17.16 11.47
N ALA A 42 12.59 -18.02 10.60
CA ALA A 42 13.98 -17.93 10.09
C ALA A 42 14.08 -16.91 8.96
N SER A 43 12.97 -16.54 8.32
CA SER A 43 12.95 -15.71 7.09
C SER A 43 12.54 -14.26 7.40
N PHE A 44 11.65 -14.06 8.38
CA PHE A 44 11.01 -12.76 8.70
C PHE A 44 11.33 -12.38 10.14
N THR A 45 12.09 -11.28 10.34
CA THR A 45 12.53 -10.81 11.68
C THR A 45 11.30 -10.28 12.43
N ASP A 46 10.28 -9.80 11.71
CA ASP A 46 9.05 -9.21 12.31
C ASP A 46 7.95 -10.27 12.46
N PHE A 47 8.29 -11.56 12.43
CA PHE A 47 7.33 -12.68 12.62
C PHE A 47 6.99 -12.77 14.10
N ILE A 48 5.74 -12.49 14.48
CA ILE A 48 5.28 -12.47 15.89
C ILE A 48 5.30 -13.90 16.42
N GLY A 49 4.57 -14.81 15.77
CA GLY A 49 4.52 -16.23 16.16
C GLY A 49 3.21 -16.89 15.73
N PRO A 50 3.04 -18.20 16.05
CA PRO A 50 1.91 -18.99 15.53
C PRO A 50 0.50 -18.52 15.94
N GLU A 51 0.32 -17.99 17.15
CA GLU A 51 -1.03 -17.58 17.65
C GLU A 51 -1.49 -16.34 16.87
N SER A 52 -0.56 -15.42 16.56
CA SER A 52 -0.79 -14.23 15.70
C SER A 52 -0.99 -14.67 14.24
N ALA A 53 -0.24 -15.68 13.80
CA ALA A 53 -0.28 -16.24 12.43
C ALA A 53 -1.67 -16.83 12.14
N THR A 54 -2.35 -17.35 13.18
CA THR A 54 -3.74 -17.89 13.11
C THR A 54 -4.70 -16.80 12.62
N ALA A 55 -4.58 -15.57 13.14
CA ALA A 55 -5.44 -14.42 12.77
C ALA A 55 -5.28 -14.10 11.28
N TRP A 56 -4.04 -13.97 10.80
CA TRP A 56 -3.73 -13.65 9.39
C TRP A 56 -4.21 -14.78 8.47
N ARG A 57 -4.10 -16.03 8.91
CA ARG A 57 -4.44 -17.24 8.13
C ARG A 57 -5.90 -17.21 7.69
N THR A 58 -6.79 -16.59 8.47
CA THR A 58 -8.24 -16.47 8.16
C THR A 58 -8.43 -15.68 6.85
N LEU A 59 -7.44 -14.90 6.40
CA LEU A 59 -7.52 -14.09 5.14
C LEU A 59 -6.98 -14.89 3.95
N VAL A 60 -6.42 -16.08 4.19
CA VAL A 60 -5.89 -16.96 3.11
C VAL A 60 -7.04 -17.86 2.66
N PRO A 61 -7.50 -17.77 1.39
CA PRO A 61 -8.56 -18.65 0.92
C PRO A 61 -8.02 -20.07 0.76
N THR A 62 -8.92 -21.06 0.76
CA THR A 62 -8.65 -22.46 0.34
C THR A 62 -7.85 -22.42 -0.97
N ASP A 63 -6.74 -23.15 -1.06
CA ASP A 63 -5.89 -23.19 -2.27
C ASP A 63 -5.20 -21.84 -2.49
N GLY A 64 -5.10 -20.99 -1.46
CA GLY A 64 -4.39 -19.70 -1.51
C GLY A 64 -2.89 -19.84 -1.27
N ALA A 65 -2.43 -21.03 -0.87
CA ALA A 65 -1.03 -21.28 -0.42
C ALA A 65 -0.39 -22.41 -1.24
N VAL A 66 0.89 -22.25 -1.55
CA VAL A 66 1.77 -23.33 -2.09
C VAL A 66 2.96 -23.52 -1.15
N VAL A 67 3.42 -24.76 -1.01
CA VAL A 67 4.68 -25.11 -0.30
C VAL A 67 5.52 -25.98 -1.23
N VAL A 68 6.84 -25.88 -1.09
CA VAL A 68 7.81 -26.84 -1.69
C VAL A 68 8.40 -27.68 -0.56
N ARG A 69 8.27 -29.00 -0.66
CA ARG A 69 8.88 -29.97 0.28
C ARG A 69 10.10 -30.59 -0.40
N ASP A 70 11.08 -30.99 0.41
CA ASP A 70 12.35 -31.62 -0.04
C ASP A 70 12.26 -33.13 0.19
N GLY A 71 11.94 -33.89 -0.88
CA GLY A 71 11.84 -35.35 -0.86
N SER A 76 9.20 -35.05 5.36
CA SER A 76 10.07 -34.11 4.58
C SER A 76 9.67 -32.66 4.90
N GLU A 77 10.67 -31.78 5.02
CA GLU A 77 10.53 -30.40 5.56
C GLU A 77 10.21 -29.40 4.45
N VAL A 78 9.63 -28.26 4.85
CA VAL A 78 9.22 -27.14 3.98
C VAL A 78 10.45 -26.29 3.68
N VAL A 79 10.80 -26.15 2.40
CA VAL A 79 11.99 -25.41 1.91
C VAL A 79 11.56 -24.18 1.08
N GLY A 80 10.26 -24.07 0.79
CA GLY A 80 9.69 -22.92 0.07
C GLY A 80 8.21 -22.79 0.36
N MET A 81 7.71 -21.56 0.39
CA MET A 81 6.27 -21.30 0.59
C MET A 81 5.92 -19.94 0.00
N ALA A 82 4.67 -19.78 -0.38
CA ALA A 82 4.08 -18.52 -0.86
C ALA A 82 2.57 -18.65 -0.78
N LEU A 83 1.88 -17.55 -0.55
CA LEU A 83 0.41 -17.54 -0.51
C LEU A 83 -0.09 -16.15 -0.90
N TYR A 84 -1.40 -16.06 -1.10
CA TYR A 84 -2.07 -14.76 -1.27
C TYR A 84 -3.25 -14.71 -0.28
N MET A 85 -3.59 -13.49 0.11
CA MET A 85 -4.74 -13.20 0.97
C MET A 85 -5.78 -12.47 0.13
N ASP A 86 -7.05 -12.71 0.45
CA ASP A 86 -8.19 -12.02 -0.20
C ASP A 86 -8.26 -10.58 0.36
N LEU A 87 -7.94 -9.59 -0.47
CA LEU A 87 -7.98 -8.16 -0.08
C LEU A 87 -8.95 -7.39 -0.98
N ARG A 88 -9.32 -6.19 -0.54
CA ARG A 88 -10.14 -5.21 -1.29
C ARG A 88 -9.33 -3.91 -1.38
N LEU A 89 -8.96 -3.53 -2.60
CA LEU A 89 -8.10 -2.36 -2.88
C LEU A 89 -8.93 -1.27 -3.57
N THR A 90 -8.89 -0.06 -3.03
CA THR A 90 -9.51 1.14 -3.64
C THR A 90 -8.57 1.68 -4.71
N VAL A 91 -9.11 1.96 -5.89
CA VAL A 91 -8.35 2.53 -7.04
C VAL A 91 -9.05 3.84 -7.41
N PRO A 92 -8.40 4.71 -8.23
CA PRO A 92 -9.01 6.01 -8.58
C PRO A 92 -10.45 5.87 -9.09
N GLY A 93 -11.31 6.80 -8.67
CA GLY A 93 -12.76 6.77 -8.92
C GLY A 93 -13.51 6.10 -7.79
N GLU A 94 -12.83 5.85 -6.65
CA GLU A 94 -13.41 5.20 -5.45
C GLU A 94 -13.96 3.81 -5.80
N VAL A 95 -13.33 3.13 -6.76
CA VAL A 95 -13.70 1.75 -7.19
C VAL A 95 -12.88 0.77 -6.34
N VAL A 96 -13.55 -0.24 -5.80
CA VAL A 96 -12.93 -1.27 -4.91
C VAL A 96 -12.77 -2.56 -5.72
N LEU A 97 -11.53 -3.02 -5.91
CA LEU A 97 -11.18 -4.24 -6.67
C LEU A 97 -10.86 -5.39 -5.72
N PRO A 98 -11.35 -6.62 -6.00
CA PRO A 98 -10.82 -7.81 -5.35
C PRO A 98 -9.33 -7.91 -5.74
N THR A 99 -8.47 -8.08 -4.74
CA THR A 99 -6.99 -8.05 -4.90
C THR A 99 -6.41 -9.27 -4.20
N ALA A 100 -5.53 -10.00 -4.89
CA ALA A 100 -4.72 -11.09 -4.30
C ALA A 100 -3.46 -10.46 -3.69
N GLY A 101 -3.37 -10.48 -2.36
CA GLY A 101 -2.23 -9.94 -1.60
C GLY A 101 -1.17 -11.01 -1.38
N LEU A 102 -0.15 -11.03 -2.25
CA LEU A 102 1.00 -11.97 -2.15
C LEU A 102 1.74 -11.67 -0.85
N SER A 103 2.15 -12.72 -0.14
CA SER A 103 2.57 -12.65 1.28
C SER A 103 3.24 -13.96 1.69
N PHE A 104 3.98 -13.92 2.80
CA PHE A 104 4.59 -15.13 3.44
C PHE A 104 5.46 -15.86 2.42
N VAL A 105 6.14 -15.12 1.54
CA VAL A 105 6.98 -15.71 0.47
C VAL A 105 8.38 -15.90 1.05
N ALA A 106 8.90 -17.12 0.98
CA ALA A 106 10.19 -17.48 1.59
C ALA A 106 10.73 -18.74 0.93
N VAL A 107 12.02 -18.72 0.64
CA VAL A 107 12.82 -19.89 0.20
C VAL A 107 13.88 -20.12 1.28
N ALA A 108 14.02 -21.36 1.75
CA ALA A 108 15.00 -21.74 2.78
C ALA A 108 16.41 -21.35 2.30
N PRO A 109 17.31 -20.92 3.21
CA PRO A 109 18.66 -20.51 2.83
C PRO A 109 19.48 -21.68 2.25
N THR A 110 19.03 -22.91 2.51
CA THR A 110 19.62 -24.19 2.04
C THR A 110 19.25 -24.49 0.58
N HIS A 111 18.30 -23.74 -0.02
CA HIS A 111 17.69 -24.07 -1.35
C HIS A 111 17.62 -22.85 -2.25
N ARG A 112 18.53 -21.88 -2.11
CA ARG A 112 18.62 -20.71 -3.02
C ARG A 112 19.02 -21.19 -4.42
N ARG A 113 18.68 -20.39 -5.44
CA ARG A 113 19.15 -20.55 -6.85
C ARG A 113 18.71 -21.92 -7.41
N ARG A 114 17.55 -22.44 -7.03
CA ARG A 114 16.93 -23.66 -7.61
C ARG A 114 15.63 -23.31 -8.33
N GLY A 115 15.36 -22.02 -8.55
CA GLY A 115 14.15 -21.54 -9.26
C GLY A 115 12.87 -21.80 -8.48
N LEU A 116 12.95 -21.91 -7.15
CA LEU A 116 11.79 -22.23 -6.28
C LEU A 116 10.82 -21.04 -6.24
N LEU A 117 11.34 -19.81 -6.19
CA LEU A 117 10.50 -18.59 -6.19
C LEU A 117 9.72 -18.49 -7.52
N ARG A 118 10.41 -18.70 -8.64
CA ARG A 118 9.82 -18.63 -10.01
C ARG A 118 8.67 -19.65 -10.12
N ALA A 119 8.89 -20.89 -9.66
CA ALA A 119 7.91 -21.99 -9.69
C ALA A 119 6.71 -21.68 -8.79
N MET A 120 6.94 -21.11 -7.60
CA MET A 120 5.84 -20.79 -6.64
C MET A 120 5.02 -19.62 -7.17
N CYS A 121 5.67 -18.57 -7.70
CA CYS A 121 4.99 -17.36 -8.24
C CYS A 121 4.17 -17.73 -9.48
N ALA A 122 4.70 -18.61 -10.35
CA ALA A 122 4.01 -19.07 -11.58
C ALA A 122 2.72 -19.80 -11.19
N GLU A 123 2.78 -20.67 -10.19
CA GLU A 123 1.62 -21.48 -9.75
C GLU A 123 0.57 -20.57 -9.09
N LEU A 124 0.98 -19.64 -8.23
CA LEU A 124 0.04 -18.73 -7.53
C LEU A 124 -0.62 -17.79 -8.54
N HIS A 125 0.13 -17.28 -9.52
CA HIS A 125 -0.41 -16.36 -10.57
C HIS A 125 -1.46 -17.07 -11.42
N ARG A 126 -1.21 -18.35 -11.76
CA ARG A 126 -2.15 -19.25 -12.46
C ARG A 126 -3.48 -19.28 -11.66
N ARG A 127 -3.40 -19.61 -10.37
CA ARG A 127 -4.56 -19.74 -9.44
C ARG A 127 -5.27 -18.39 -9.27
N ILE A 128 -4.51 -17.31 -9.10
CA ILE A 128 -5.05 -15.93 -8.92
C ILE A 128 -5.83 -15.54 -10.18
N ALA A 129 -5.22 -15.70 -11.36
CA ALA A 129 -5.83 -15.41 -12.68
C ALA A 129 -7.12 -16.23 -12.85
N ASP A 130 -7.05 -17.55 -12.64
CA ASP A 130 -8.18 -18.49 -12.80
C ASP A 130 -9.31 -18.19 -11.81
N SER A 131 -8.98 -17.66 -10.63
CA SER A 131 -9.97 -17.33 -9.57
C SER A 131 -10.71 -16.04 -9.92
N GLY A 132 -10.21 -15.24 -10.87
CA GLY A 132 -10.89 -14.02 -11.37
C GLY A 132 -10.47 -12.74 -10.66
N TYR A 133 -9.29 -12.71 -10.01
CA TYR A 133 -8.71 -11.46 -9.46
C TYR A 133 -8.19 -10.61 -10.62
N PRO A 134 -8.62 -9.34 -10.76
CA PRO A 134 -8.07 -8.46 -11.80
C PRO A 134 -6.64 -7.98 -11.49
N VAL A 135 -6.26 -7.95 -10.21
CA VAL A 135 -4.92 -7.44 -9.77
C VAL A 135 -4.41 -8.30 -8.61
N ALA A 136 -3.09 -8.41 -8.53
CA ALA A 136 -2.32 -8.90 -7.37
C ALA A 136 -1.49 -7.75 -6.82
N ALA A 137 -1.15 -7.80 -5.54
CA ALA A 137 -0.36 -6.76 -4.84
C ALA A 137 0.55 -7.40 -3.79
N LEU A 138 1.63 -6.70 -3.46
CA LEU A 138 2.57 -7.11 -2.40
C LEU A 138 3.38 -5.91 -1.91
N HIS A 139 4.04 -6.12 -0.77
CA HIS A 139 5.12 -5.25 -0.21
C HIS A 139 6.44 -6.00 -0.38
N ALA A 140 7.43 -5.36 -0.99
CA ALA A 140 8.69 -6.00 -1.42
C ALA A 140 9.74 -5.84 -0.30
N SER A 141 10.33 -6.96 0.15
CA SER A 141 11.45 -6.97 1.11
C SER A 141 12.71 -6.39 0.45
N GLU A 142 12.87 -6.56 -0.86
CA GLU A 142 13.93 -5.94 -1.69
C GLU A 142 13.31 -5.39 -2.98
N GLY A 143 13.93 -4.37 -3.58
CA GLY A 143 13.38 -3.64 -4.74
C GLY A 143 13.68 -4.31 -6.08
N GLY A 144 14.54 -5.34 -6.11
CA GLY A 144 15.09 -5.91 -7.36
C GLY A 144 14.45 -7.24 -7.77
N ILE A 145 13.55 -7.77 -6.94
CA ILE A 145 13.02 -9.17 -7.07
C ILE A 145 11.82 -9.20 -8.02
N TYR A 146 10.84 -8.31 -7.85
CA TYR A 146 9.43 -8.55 -8.26
C TYR A 146 9.09 -7.91 -9.63
N GLY A 147 9.92 -7.00 -10.14
CA GLY A 147 9.76 -6.43 -11.50
C GLY A 147 9.63 -7.51 -12.57
N ARG A 148 10.45 -8.56 -12.49
CA ARG A 148 10.53 -9.64 -13.51
C ARG A 148 9.28 -10.54 -13.46
N PHE A 149 8.50 -10.50 -12.37
CA PHE A 149 7.22 -11.25 -12.22
C PHE A 149 6.01 -10.35 -12.55
N GLY A 150 6.25 -9.13 -13.06
CA GLY A 150 5.21 -8.22 -13.56
C GLY A 150 4.69 -7.23 -12.51
N TYR A 151 5.30 -7.17 -11.32
CA TYR A 151 4.92 -6.22 -10.24
C TYR A 151 5.68 -4.90 -10.41
N GLY A 152 4.94 -3.79 -10.36
CA GLY A 152 5.49 -2.42 -10.41
C GLY A 152 5.17 -1.69 -9.11
N PRO A 153 6.11 -0.89 -8.57
CA PRO A 153 5.83 -0.08 -7.39
C PRO A 153 4.76 0.96 -7.72
N ALA A 154 3.71 1.03 -6.90
CA ALA A 154 2.45 1.74 -7.22
C ALA A 154 2.11 2.82 -6.19
N THR A 155 2.69 2.77 -5.00
CA THR A 155 2.58 3.85 -3.97
C THR A 155 3.98 4.18 -3.47
N THR A 156 4.16 5.38 -2.93
CA THR A 156 5.46 5.88 -2.41
C THR A 156 5.31 6.22 -0.92
N LEU A 157 6.08 5.54 -0.08
CA LEU A 157 6.22 5.87 1.36
C LEU A 157 7.17 7.07 1.50
N HIS A 158 6.77 8.00 2.34
CA HIS A 158 7.45 9.29 2.56
C HIS A 158 7.52 9.50 4.07
N GLU A 159 8.70 9.38 4.68
CA GLU A 159 8.87 9.67 6.12
C GLU A 159 9.09 11.17 6.30
N LEU A 160 8.23 11.81 7.09
CA LEU A 160 8.41 13.19 7.57
C LEU A 160 8.82 13.15 9.04
N THR A 161 9.89 13.87 9.37
CA THR A 161 10.33 14.12 10.76
C THR A 161 10.18 15.62 11.02
N VAL A 162 9.31 15.98 11.97
CA VAL A 162 9.03 17.39 12.36
C VAL A 162 9.81 17.72 13.64
N ASP A 163 10.72 18.70 13.60
CA ASP A 163 11.30 19.31 14.83
C ASP A 163 10.24 20.22 15.44
N ARG A 164 9.41 19.68 16.32
CA ARG A 164 8.17 20.33 16.81
C ARG A 164 8.48 21.52 17.70
N ARG A 165 9.72 21.69 18.16
CA ARG A 165 10.13 22.82 19.04
C ARG A 165 10.05 24.15 18.29
N PHE A 166 10.24 24.14 16.97
CA PHE A 166 10.22 25.35 16.11
C PHE A 166 8.87 25.51 15.40
N ALA A 167 8.02 24.47 15.42
CA ALA A 167 6.80 24.38 14.61
C ALA A 167 5.76 25.40 15.08
N ARG A 168 5.41 26.34 14.21
CA ARG A 168 4.30 27.30 14.40
C ARG A 168 3.33 27.12 13.22
N PHE A 169 2.03 27.03 13.50
CA PHE A 169 0.99 26.88 12.46
C PHE A 169 0.79 28.22 11.75
N HIS A 170 0.68 28.17 10.42
CA HIS A 170 0.35 29.32 9.55
C HIS A 170 -0.99 29.92 9.98
N ALA A 171 -1.15 31.24 9.83
CA ALA A 171 -2.40 31.98 10.08
C ALA A 171 -3.57 31.30 9.34
N ASP A 172 -3.31 30.72 8.17
CA ASP A 172 -4.34 30.13 7.27
C ASP A 172 -4.81 28.75 7.77
N ALA A 173 -4.00 28.05 8.58
CA ALA A 173 -4.28 26.65 8.98
C ALA A 173 -5.60 26.58 9.75
N PRO A 174 -6.50 25.61 9.45
CA PRO A 174 -7.74 25.45 10.19
C PRO A 174 -7.56 25.15 11.69
N GLY A 175 -8.58 25.46 12.49
CA GLY A 175 -8.71 25.06 13.91
C GLY A 175 -7.70 25.76 14.82
N GLY A 176 -7.47 27.06 14.61
CA GLY A 176 -6.56 27.90 15.41
C GLY A 176 -7.27 29.10 15.98
N GLY A 177 -8.39 28.88 16.68
CA GLY A 177 -9.23 29.93 17.29
C GLY A 177 -9.57 29.61 18.74
N LEU A 178 -10.42 30.43 19.35
CA LEU A 178 -10.92 30.26 20.75
C LEU A 178 -11.86 29.06 20.79
N GLY A 179 -12.35 28.71 21.99
CA GLY A 179 -13.23 27.56 22.23
C GLY A 179 -12.42 26.28 22.44
N GLY A 180 -13.11 25.17 22.70
CA GLY A 180 -12.51 23.88 23.10
C GLY A 180 -11.82 23.19 21.93
N SER A 181 -11.01 22.17 22.24
CA SER A 181 -10.35 21.28 21.25
C SER A 181 -11.34 20.18 20.86
N SER A 182 -11.36 19.83 19.58
CA SER A 182 -12.18 18.74 19.01
C SER A 182 -11.43 17.40 19.15
N VAL A 183 -10.16 17.43 19.53
CA VAL A 183 -9.28 16.23 19.62
C VAL A 183 -9.19 15.80 21.10
N ARG A 184 -9.29 14.49 21.34
CA ARG A 184 -9.17 13.86 22.67
C ARG A 184 -7.98 12.91 22.68
N LEU A 185 -7.20 12.92 23.77
CA LEU A 185 -6.15 11.92 24.06
C LEU A 185 -6.83 10.72 24.74
N VAL A 186 -6.76 9.54 24.14
CA VAL A 186 -7.52 8.35 24.61
C VAL A 186 -6.62 7.11 24.57
N ARG A 187 -7.03 6.07 25.30
CA ARG A 187 -6.42 4.72 25.20
C ARG A 187 -7.01 4.05 23.96
N PRO A 188 -6.15 3.55 23.04
CA PRO A 188 -6.63 2.91 21.81
C PRO A 188 -7.73 1.84 22.00
N THR A 189 -7.57 0.92 22.96
CA THR A 189 -8.45 -0.27 23.12
C THR A 189 -9.89 0.12 23.49
N GLU A 190 -10.10 1.30 24.10
CA GLU A 190 -11.43 1.75 24.60
C GLU A 190 -12.23 2.49 23.51
N HIS A 191 -11.64 2.69 22.32
CA HIS A 191 -12.29 3.45 21.21
C HIS A 191 -12.09 2.71 19.87
N ARG A 192 -12.10 1.38 19.90
CA ARG A 192 -11.91 0.52 18.70
C ARG A 192 -12.96 0.85 17.65
N GLY A 193 -14.23 0.93 18.05
CA GLY A 193 -15.38 1.18 17.17
C GLY A 193 -15.21 2.47 16.38
N GLU A 194 -14.70 3.52 17.02
CA GLU A 194 -14.50 4.84 16.39
C GLU A 194 -13.36 4.76 15.38
N PHE A 195 -12.25 4.07 15.71
CA PHE A 195 -11.09 3.93 14.79
C PHE A 195 -11.53 3.18 13.54
N GLU A 196 -12.19 2.02 13.74
CA GLU A 196 -12.74 1.15 12.66
C GLU A 196 -13.60 1.98 11.70
N ALA A 197 -14.56 2.74 12.23
CA ALA A 197 -15.53 3.55 11.46
C ALA A 197 -14.79 4.64 10.66
N ILE A 198 -13.82 5.32 11.27
CA ILE A 198 -13.03 6.38 10.58
C ILE A 198 -12.18 5.75 9.47
N TYR A 199 -11.54 4.61 9.76
CA TYR A 199 -10.66 3.90 8.80
C TYR A 199 -11.51 3.46 7.59
N GLU A 200 -12.68 2.89 7.85
CA GLU A 200 -13.62 2.39 6.81
C GLU A 200 -13.98 3.54 5.86
N ARG A 201 -14.28 4.73 6.38
CA ARG A 201 -14.55 5.93 5.56
C ARG A 201 -13.30 6.28 4.74
N TRP A 202 -12.13 6.25 5.38
CA TRP A 202 -10.84 6.64 4.76
C TRP A 202 -10.54 5.71 3.59
N ARG A 203 -10.60 4.39 3.80
CA ARG A 203 -10.08 3.38 2.84
C ARG A 203 -10.97 3.39 1.59
N GLN A 204 -12.24 3.74 1.73
CA GLN A 204 -13.22 3.77 0.60
C GLN A 204 -12.98 4.99 -0.31
N GLN A 205 -12.37 6.07 0.17
CA GLN A 205 -12.27 7.31 -0.65
C GLN A 205 -10.84 7.56 -1.13
N VAL A 206 -9.86 6.72 -0.77
CA VAL A 206 -8.43 6.99 -1.08
C VAL A 206 -7.86 5.85 -1.92
N PRO A 207 -7.31 6.12 -3.13
CA PRO A 207 -6.56 5.11 -3.87
C PRO A 207 -5.40 4.55 -3.03
N GLY A 208 -5.32 3.23 -2.97
CA GLY A 208 -4.37 2.49 -2.12
C GLY A 208 -5.03 1.99 -0.85
N GLY A 209 -6.26 2.45 -0.57
CA GLY A 209 -7.02 2.02 0.62
C GLY A 209 -7.26 0.53 0.57
N LEU A 210 -7.11 -0.15 1.71
CA LEU A 210 -7.44 -1.59 1.87
C LEU A 210 -8.48 -1.74 2.97
N LEU A 211 -9.50 -2.57 2.74
CA LEU A 211 -10.40 -3.06 3.80
C LEU A 211 -9.51 -3.71 4.87
N ARG A 212 -9.73 -3.34 6.13
CA ARG A 212 -9.01 -3.94 7.27
C ARG A 212 -9.98 -4.81 8.04
N PRO A 213 -9.88 -6.16 7.93
CA PRO A 213 -10.81 -7.06 8.63
C PRO A 213 -10.59 -7.06 10.14
N GLN A 214 -11.57 -7.58 10.87
CA GLN A 214 -11.62 -7.59 12.35
C GLN A 214 -10.31 -8.16 12.93
N VAL A 215 -9.81 -9.26 12.36
CA VAL A 215 -8.61 -9.97 12.88
C VAL A 215 -7.39 -9.05 12.82
N LEU A 216 -7.30 -8.13 11.86
CA LEU A 216 -6.14 -7.21 11.74
C LEU A 216 -6.31 -6.01 12.70
N TRP A 217 -7.55 -5.65 13.04
CA TRP A 217 -7.82 -4.70 14.15
C TRP A 217 -7.43 -5.35 15.48
N ASP A 218 -7.71 -6.64 15.67
CA ASP A 218 -7.28 -7.41 16.87
C ASP A 218 -5.76 -7.30 17.00
N GLU A 219 -5.04 -7.54 15.91
CA GLU A 219 -3.56 -7.55 15.88
C GLU A 219 -3.02 -6.14 16.14
N LEU A 220 -3.61 -5.11 15.50
CA LEU A 220 -3.15 -3.71 15.60
C LEU A 220 -3.22 -3.27 17.08
N LEU A 221 -4.32 -3.57 17.77
CA LEU A 221 -4.59 -3.09 19.15
C LEU A 221 -3.76 -3.88 20.18
N ALA A 222 -3.44 -5.15 19.90
CA ALA A 222 -2.53 -5.97 20.73
C ALA A 222 -1.11 -5.41 20.62
N GLU A 223 -0.75 -4.90 19.45
CA GLU A 223 0.58 -4.31 19.13
C GLU A 223 0.68 -2.90 19.73
N ALA A 224 -0.43 -2.34 20.23
CA ALA A 224 -0.52 -0.97 20.79
C ALA A 224 -0.23 -0.97 22.30
N LYS A 225 -0.13 -2.15 22.94
CA LYS A 225 0.22 -2.26 24.37
C LYS A 225 1.74 -2.37 24.50
N ALA A 226 2.27 -1.97 25.67
CA ALA A 226 3.71 -2.00 26.01
C ALA A 226 4.15 -3.46 26.18
N ALA A 227 5.28 -3.82 25.58
CA ALA A 227 5.92 -5.15 25.68
C ALA A 227 7.13 -5.06 26.62
N PRO A 228 7.29 -5.97 27.60
CA PRO A 228 8.46 -5.96 28.47
C PRO A 228 9.74 -6.12 27.62
N GLY A 229 10.60 -5.09 27.63
CA GLY A 229 11.85 -5.04 26.86
C GLY A 229 11.62 -4.73 25.39
N GLY A 230 10.41 -4.25 25.04
CA GLY A 230 9.99 -4.00 23.65
C GLY A 230 9.50 -2.57 23.46
N ASP A 231 8.40 -2.42 22.70
CA ASP A 231 7.80 -1.10 22.37
C ASP A 231 7.10 -0.52 23.60
N ARG A 232 7.07 0.80 23.69
CA ARG A 232 6.35 1.55 24.76
C ARG A 232 4.86 1.53 24.42
N GLU A 233 4.03 1.92 25.40
CA GLU A 233 2.55 1.99 25.28
C GLU A 233 2.19 2.99 24.17
N SER A 234 1.19 2.65 23.35
CA SER A 234 0.63 3.53 22.30
C SER A 234 -0.53 4.35 22.89
N PHE A 235 -0.64 5.61 22.46
CA PHE A 235 -1.78 6.49 22.76
C PHE A 235 -2.45 6.87 21.45
N ALA A 236 -3.70 7.32 21.54
CA ALA A 236 -4.48 7.76 20.37
C ALA A 236 -4.93 9.21 20.58
N LEU A 237 -4.88 9.98 19.49
CA LEU A 237 -5.56 11.29 19.37
C LEU A 237 -6.78 11.08 18.48
N LEU A 238 -7.97 11.35 19.03
CA LEU A 238 -9.26 11.01 18.39
C LEU A 238 -10.04 12.29 18.10
N HIS A 239 -10.38 12.46 16.82
CA HIS A 239 -11.27 13.51 16.27
C HIS A 239 -12.48 12.79 15.67
N PRO A 240 -13.67 13.41 15.59
CA PRO A 240 -14.81 12.78 14.92
C PRO A 240 -14.48 12.25 13.51
N ASP A 241 -13.54 12.88 12.80
CA ASP A 241 -13.24 12.60 11.37
C ASP A 241 -11.76 12.23 11.19
N GLY A 242 -11.09 11.75 12.23
CA GLY A 242 -9.68 11.32 12.11
C GLY A 242 -9.11 10.80 13.42
N TYR A 243 -8.03 10.03 13.33
CA TYR A 243 -7.28 9.55 14.51
C TYR A 243 -5.80 9.44 14.14
N ALA A 244 -4.94 9.57 15.15
CA ALA A 244 -3.50 9.27 15.08
C ALA A 244 -3.17 8.29 16.22
N LEU A 245 -2.48 7.20 15.92
CA LEU A 245 -1.87 6.30 16.92
C LEU A 245 -0.37 6.61 16.96
N TYR A 246 0.17 6.87 18.15
CA TYR A 246 1.59 7.23 18.32
C TYR A 246 2.13 6.53 19.56
N ARG A 247 3.45 6.41 19.61
CA ARG A 247 4.19 5.90 20.79
C ARG A 247 5.55 6.59 20.82
N VAL A 248 6.09 6.76 22.02
CA VAL A 248 7.49 7.24 22.18
C VAL A 248 8.40 6.08 21.75
N ASP A 249 9.48 6.42 21.05
CA ASP A 249 10.48 5.46 20.52
C ASP A 249 11.11 4.68 21.69
N ARG A 250 11.47 3.43 21.46
CA ARG A 250 12.15 2.51 22.43
C ARG A 250 13.34 3.22 23.09
N THR A 251 14.23 3.80 22.28
CA THR A 251 15.59 4.23 22.70
C THR A 251 15.71 5.76 22.68
N ASP A 252 15.21 6.43 21.64
CA ASP A 252 15.19 7.91 21.53
C ASP A 252 13.92 8.43 22.22
N LEU A 253 14.03 8.80 23.50
CA LEU A 253 12.87 9.18 24.36
C LEU A 253 12.37 10.60 24.03
N LYS A 254 13.00 11.30 23.08
CA LYS A 254 12.55 12.64 22.60
C LYS A 254 11.92 12.51 21.21
N LEU A 255 11.73 11.29 20.70
CA LEU A 255 11.10 11.02 19.38
C LEU A 255 9.75 10.34 19.60
N ALA A 256 8.67 10.92 19.06
CA ALA A 256 7.34 10.27 18.99
C ALA A 256 7.15 9.73 17.57
N ARG A 257 6.82 8.45 17.47
CA ARG A 257 6.56 7.76 16.18
C ARG A 257 5.05 7.61 16.00
N VAL A 258 4.49 8.28 15.00
CA VAL A 258 3.08 8.10 14.58
C VAL A 258 3.01 6.84 13.72
N SER A 259 2.43 5.76 14.24
CA SER A 259 2.31 4.46 13.53
C SER A 259 1.24 4.58 12.44
N GLU A 260 0.24 5.44 12.64
CA GLU A 260 -0.94 5.54 11.77
C GLU A 260 -1.69 6.85 12.03
N LEU A 261 -1.91 7.63 10.99
CA LEU A 261 -2.81 8.80 11.03
C LEU A 261 -3.78 8.71 9.85
N ARG A 262 -5.08 8.60 10.13
CA ARG A 262 -6.17 8.56 9.13
C ARG A 262 -7.13 9.72 9.38
N ALA A 263 -7.23 10.62 8.41
CA ALA A 263 -8.11 11.80 8.45
C ALA A 263 -8.95 11.84 7.18
N VAL A 264 -10.25 12.07 7.35
CA VAL A 264 -11.27 12.05 6.26
C VAL A 264 -11.52 13.49 5.79
N THR A 265 -11.16 14.49 6.60
CA THR A 265 -11.31 15.94 6.27
C THR A 265 -10.00 16.66 6.58
N ALA A 266 -9.79 17.82 5.96
CA ALA A 266 -8.62 18.70 6.17
C ALA A 266 -8.63 19.22 7.62
N ASP A 267 -9.82 19.53 8.15
CA ASP A 267 -10.00 19.99 9.55
C ASP A 267 -9.42 18.93 10.48
N ALA A 268 -9.81 17.67 10.30
CA ALA A 268 -9.36 16.53 11.15
C ALA A 268 -7.83 16.42 11.08
N HIS A 269 -7.26 16.49 9.87
CA HIS A 269 -5.80 16.34 9.61
C HIS A 269 -5.04 17.45 10.36
N CYS A 270 -5.47 18.70 10.23
CA CYS A 270 -4.82 19.86 10.89
C CYS A 270 -4.96 19.75 12.41
N ALA A 271 -6.17 19.45 12.91
CA ALA A 271 -6.46 19.35 14.36
C ALA A 271 -5.56 18.30 15.01
N LEU A 272 -5.39 17.15 14.34
CA LEU A 272 -4.56 16.04 14.85
C LEU A 272 -3.10 16.49 14.92
N TRP A 273 -2.63 17.27 13.95
CA TRP A 273 -1.22 17.74 13.89
C TRP A 273 -0.98 18.84 14.92
N ARG A 274 -1.98 19.68 15.19
CA ARG A 274 -1.94 20.66 16.31
C ARG A 274 -1.71 19.90 17.63
N ALA A 275 -2.44 18.81 17.84
CA ALA A 275 -2.29 17.97 19.05
C ALA A 275 -0.91 17.31 19.08
N LEU A 276 -0.42 16.80 17.95
CA LEU A 276 0.90 16.11 17.87
C LEU A 276 2.03 17.10 18.16
N ILE A 277 1.96 18.31 17.59
CA ILE A 277 2.96 19.40 17.85
C ILE A 277 2.84 19.88 19.30
N GLY A 278 1.71 19.62 19.97
CA GLY A 278 1.51 19.88 21.40
C GLY A 278 2.14 18.82 22.31
N LEU A 279 2.86 17.83 21.78
CA LEU A 279 3.62 16.86 22.63
C LEU A 279 4.93 17.53 23.08
N ASP A 280 4.82 18.41 24.09
CA ASP A 280 5.87 19.39 24.47
C ASP A 280 7.12 18.69 25.02
N SER A 281 7.01 17.45 25.51
CA SER A 281 8.16 16.67 26.02
C SER A 281 8.96 16.00 24.87
N MET A 282 8.47 16.05 23.63
CA MET A 282 9.18 15.47 22.46
C MET A 282 9.94 16.60 21.73
N GLU A 283 11.08 16.26 21.12
CA GLU A 283 11.84 17.14 20.19
C GLU A 283 11.32 16.95 18.78
N ARG A 284 11.02 15.69 18.40
CA ARG A 284 10.73 15.29 17.01
C ARG A 284 9.49 14.39 16.98
N ILE A 285 8.64 14.59 15.97
CA ILE A 285 7.53 13.70 15.58
C ILE A 285 7.89 13.13 14.20
N SER A 286 7.86 11.80 14.06
CA SER A 286 8.07 11.13 12.75
C SER A 286 6.79 10.41 12.35
N ILE A 287 6.54 10.37 11.04
CA ILE A 287 5.39 9.64 10.45
C ILE A 287 5.81 9.14 9.06
N ILE A 288 5.36 7.94 8.71
CA ILE A 288 5.42 7.42 7.32
C ILE A 288 4.09 7.78 6.66
N THR A 289 4.16 8.72 5.72
CA THR A 289 2.99 9.29 5.02
C THR A 289 3.22 9.16 3.52
N HIS A 290 2.64 10.06 2.72
CA HIS A 290 2.71 10.05 1.23
C HIS A 290 3.27 11.39 0.77
N PRO A 291 3.80 11.46 -0.48
CA PRO A 291 4.43 12.68 -1.01
C PRO A 291 3.55 13.95 -1.01
N GLN A 292 2.23 13.81 -1.00
CA GLN A 292 1.29 14.97 -1.07
C GLN A 292 0.71 15.31 0.29
N ASP A 293 1.23 14.74 1.38
CA ASP A 293 0.80 15.12 2.76
C ASP A 293 0.89 16.64 2.86
N PRO A 294 -0.23 17.34 3.16
CA PRO A 294 -0.22 18.79 3.26
C PRO A 294 0.48 19.40 4.49
N LEU A 295 0.98 18.54 5.41
CA LEU A 295 1.55 18.97 6.71
C LEU A 295 2.57 20.10 6.54
N PRO A 296 3.54 20.05 5.60
CA PRO A 296 4.54 21.11 5.50
C PRO A 296 3.89 22.49 5.30
N HIS A 297 2.75 22.53 4.60
CA HIS A 297 2.03 23.78 4.20
C HIS A 297 1.19 24.32 5.36
N LEU A 298 1.02 23.54 6.43
CA LEU A 298 0.31 23.97 7.66
C LEU A 298 1.22 24.85 8.53
N LEU A 299 2.54 24.83 8.29
CA LEU A 299 3.54 25.52 9.14
C LEU A 299 4.03 26.79 8.45
N THR A 300 4.56 27.74 9.22
CA THR A 300 5.16 29.00 8.72
C THR A 300 6.51 28.68 8.05
N ASP A 301 7.17 27.60 8.51
CA ASP A 301 8.45 27.09 7.93
C ASP A 301 8.20 25.68 7.41
N THR A 302 7.93 25.54 6.10
CA THR A 302 7.64 24.24 5.42
C THR A 302 8.83 23.30 5.60
N ARG A 303 10.03 23.85 5.79
CA ARG A 303 11.30 23.09 5.86
C ARG A 303 11.38 22.27 7.16
N LEU A 304 10.61 22.63 8.19
CA LEU A 304 10.59 21.90 9.49
C LEU A 304 10.08 20.48 9.31
N ALA A 305 9.16 20.25 8.37
CA ALA A 305 8.67 18.90 7.99
C ALA A 305 9.64 18.29 6.99
N ARG A 306 10.68 17.63 7.51
CA ARG A 306 11.83 17.09 6.74
C ARG A 306 11.50 15.70 6.21
N THR A 307 11.77 15.46 4.93
CA THR A 307 11.73 14.11 4.33
C THR A 307 13.04 13.39 4.68
N THR A 308 12.96 12.42 5.60
CA THR A 308 14.11 11.66 6.14
C THR A 308 14.27 10.32 5.42
N TRP A 309 13.23 9.86 4.71
CA TRP A 309 13.19 8.49 4.12
C TRP A 309 12.10 8.41 3.05
N ARG A 310 12.41 7.70 1.98
CA ARG A 310 11.50 7.51 0.82
C ARG A 310 11.72 6.12 0.26
N GLN A 311 10.63 5.42 -0.02
CA GLN A 311 10.67 4.01 -0.49
C GLN A 311 9.35 3.66 -1.17
N ASP A 312 9.42 2.76 -2.14
CA ASP A 312 8.27 2.04 -2.74
C ASP A 312 7.40 1.45 -1.62
N GLY A 313 6.08 1.60 -1.72
CA GLY A 313 5.10 1.01 -0.80
C GLY A 313 4.47 -0.24 -1.41
N LEU A 314 3.20 -0.14 -1.82
CA LEU A 314 2.47 -1.26 -2.45
C LEU A 314 2.98 -1.44 -3.88
N TRP A 315 3.17 -2.69 -4.30
CA TRP A 315 3.47 -3.10 -5.69
C TRP A 315 2.22 -3.76 -6.28
N LEU A 316 1.93 -3.48 -7.56
CA LEU A 316 0.77 -4.07 -8.27
C LEU A 316 1.26 -4.89 -9.46
N ARG A 317 0.67 -6.07 -9.63
CA ARG A 317 0.68 -6.82 -10.91
C ARG A 317 -0.75 -6.81 -11.45
N ILE A 318 -0.94 -6.16 -12.60
CA ILE A 318 -2.22 -6.21 -13.37
C ILE A 318 -2.33 -7.63 -13.95
N MET A 319 -3.29 -8.40 -13.46
CA MET A 319 -3.50 -9.82 -13.88
C MET A 319 -4.28 -9.82 -15.20
N ASN A 320 -5.31 -8.98 -15.28
CA ASN A 320 -6.22 -8.83 -16.45
C ASN A 320 -6.19 -7.36 -16.88
N VAL A 321 -5.54 -7.06 -18.01
CA VAL A 321 -5.29 -5.66 -18.45
C VAL A 321 -6.62 -4.97 -18.75
N PRO A 322 -7.50 -5.52 -19.61
CA PRO A 322 -8.77 -4.85 -19.92
C PRO A 322 -9.67 -4.67 -18.70
N ALA A 323 -9.79 -5.67 -17.83
CA ALA A 323 -10.62 -5.61 -16.60
C ALA A 323 -10.12 -4.49 -15.69
N ALA A 324 -8.80 -4.42 -15.44
CA ALA A 324 -8.19 -3.39 -14.58
C ALA A 324 -8.39 -2.00 -15.20
N LEU A 325 -8.08 -1.83 -16.50
CA LEU A 325 -8.10 -0.48 -17.13
C LEU A 325 -9.55 0.04 -17.19
N GLU A 326 -10.53 -0.84 -17.41
CA GLU A 326 -11.96 -0.42 -17.50
C GLU A 326 -12.53 -0.14 -16.11
N ALA A 327 -11.98 -0.76 -15.06
CA ALA A 327 -12.55 -0.69 -13.69
C ALA A 327 -12.26 0.67 -13.04
N ARG A 328 -11.11 1.30 -13.29
CA ARG A 328 -10.74 2.55 -12.59
C ARG A 328 -11.31 3.76 -13.34
N GLY A 329 -11.47 4.88 -12.62
CA GLY A 329 -11.85 6.19 -13.17
C GLY A 329 -10.62 6.93 -13.66
N TYR A 330 -10.81 7.83 -14.63
CA TYR A 330 -9.75 8.66 -15.24
C TYR A 330 -10.15 10.13 -15.07
N ALA A 331 -9.18 11.04 -15.21
CA ALA A 331 -9.39 12.49 -15.05
C ALA A 331 -10.39 12.96 -16.11
N HIS A 332 -11.44 13.66 -15.69
CA HIS A 332 -12.48 14.27 -16.57
C HIS A 332 -11.90 15.43 -17.38
N GLU A 333 -10.76 15.99 -16.97
CA GLU A 333 -10.20 17.24 -17.56
C GLU A 333 -9.71 16.96 -18.98
N VAL A 334 -8.95 15.87 -19.18
CA VAL A 334 -8.42 15.47 -20.52
C VAL A 334 -9.60 15.08 -21.42
N GLY A 335 -9.58 15.54 -22.67
CA GLY A 335 -10.63 15.25 -23.66
C GLY A 335 -10.52 13.83 -24.15
N GLU A 336 -11.62 13.26 -24.66
CA GLU A 336 -11.67 11.91 -25.26
C GLU A 336 -10.49 11.71 -26.21
N PHE A 337 -9.83 10.55 -26.12
CA PHE A 337 -8.72 10.15 -27.02
C PHE A 337 -8.69 8.61 -27.10
N SER A 338 -8.14 8.11 -28.21
CA SER A 338 -8.00 6.67 -28.54
C SER A 338 -6.53 6.38 -28.87
N THR A 339 -6.06 5.20 -28.48
CA THR A 339 -4.69 4.75 -28.79
C THR A 339 -4.69 3.22 -28.78
N VAL A 340 -3.54 2.62 -29.11
CA VAL A 340 -3.32 1.16 -29.06
C VAL A 340 -2.19 0.90 -28.08
N LEU A 341 -2.48 0.18 -27.00
CA LEU A 341 -1.52 -0.18 -25.94
C LEU A 341 -1.15 -1.67 -26.09
N GLU A 342 0.14 -1.94 -26.24
CA GLU A 342 0.71 -3.30 -26.13
C GLU A 342 1.40 -3.42 -24.76
N VAL A 343 0.99 -4.42 -23.98
CA VAL A 343 1.72 -4.91 -22.78
C VAL A 343 2.56 -6.12 -23.24
N SER A 344 3.88 -6.08 -23.03
CA SER A 344 4.83 -7.18 -23.38
C SER A 344 4.28 -8.51 -22.86
N ASP A 345 4.00 -9.46 -23.76
CA ASP A 345 3.46 -10.80 -23.43
C ASP A 345 2.25 -10.66 -22.48
N GLY A 346 1.36 -9.69 -22.73
CA GLY A 346 0.16 -9.45 -21.91
C GLY A 346 -1.03 -8.91 -22.71
N GLY A 347 -0.91 -8.88 -24.06
CA GLY A 347 -1.99 -8.50 -24.98
C GLY A 347 -1.79 -7.14 -25.63
N ARG A 348 -2.50 -6.89 -26.73
CA ARG A 348 -2.59 -5.56 -27.38
C ARG A 348 -4.05 -5.12 -27.42
N PHE A 349 -4.32 -3.86 -27.06
CA PHE A 349 -5.69 -3.34 -26.83
C PHE A 349 -5.87 -1.96 -27.48
N ALA A 350 -7.05 -1.78 -28.07
CA ALA A 350 -7.62 -0.46 -28.44
C ALA A 350 -8.13 0.17 -27.15
N LEU A 351 -7.48 1.25 -26.72
CA LEU A 351 -7.79 1.96 -25.45
C LEU A 351 -8.43 3.29 -25.81
N LYS A 352 -9.69 3.47 -25.42
CA LYS A 352 -10.49 4.70 -25.63
C LYS A 352 -10.84 5.26 -24.25
N ILE A 353 -10.36 6.47 -23.95
CA ILE A 353 -10.57 7.13 -22.63
C ILE A 353 -11.33 8.44 -22.88
N GLY A 354 -12.50 8.58 -22.23
CA GLY A 354 -13.32 9.80 -22.28
C GLY A 354 -14.35 9.83 -21.17
N ASP A 355 -14.71 11.02 -20.71
CA ASP A 355 -15.72 11.26 -19.63
C ASP A 355 -15.35 10.42 -18.40
N GLY A 356 -14.05 10.31 -18.12
CA GLY A 356 -13.50 9.66 -16.91
C GLY A 356 -13.60 8.13 -16.94
N ARG A 357 -13.97 7.52 -18.08
CA ARG A 357 -14.09 6.04 -18.22
C ARG A 357 -13.17 5.58 -19.37
N ALA A 358 -12.74 4.32 -19.31
CA ALA A 358 -11.93 3.67 -20.37
C ALA A 358 -12.70 2.48 -20.95
N ARG A 359 -12.60 2.30 -22.26
CA ARG A 359 -12.98 1.04 -22.94
C ARG A 359 -11.71 0.46 -23.57
N CYS A 360 -11.47 -0.83 -23.33
CA CYS A 360 -10.20 -1.53 -23.62
C CYS A 360 -10.53 -2.87 -24.29
N THR A 361 -10.37 -2.95 -25.63
CA THR A 361 -10.83 -4.08 -26.47
C THR A 361 -9.66 -4.66 -27.25
N PRO A 362 -9.66 -5.99 -27.54
CA PRO A 362 -8.59 -6.60 -28.32
C PRO A 362 -8.44 -5.96 -29.70
N THR A 363 -7.21 -5.87 -30.20
CA THR A 363 -6.92 -5.40 -31.56
C THR A 363 -5.60 -6.02 -32.03
N ASP A 364 -5.40 -6.08 -33.35
CA ASP A 364 -4.10 -6.43 -33.97
C ASP A 364 -3.58 -5.19 -34.73
N ALA A 365 -4.22 -4.04 -34.56
CA ALA A 365 -3.74 -2.75 -35.13
C ALA A 365 -2.36 -2.43 -34.54
N ALA A 366 -1.55 -1.67 -35.26
CA ALA A 366 -0.19 -1.28 -34.85
C ALA A 366 -0.25 -0.61 -33.46
N ALA A 367 0.66 -0.99 -32.56
CA ALA A 367 0.83 -0.40 -31.22
C ALA A 367 1.33 1.04 -31.35
N GLU A 368 0.77 1.96 -30.56
CA GLU A 368 1.25 3.35 -30.39
C GLU A 368 2.01 3.48 -29.07
N ILE A 369 1.70 2.63 -28.08
CA ILE A 369 2.35 2.58 -26.74
C ILE A 369 2.76 1.13 -26.46
N GLU A 370 3.99 0.92 -26.00
CA GLU A 370 4.48 -0.39 -25.52
C GLU A 370 5.04 -0.22 -24.10
N MET A 371 4.81 -1.22 -23.24
CA MET A 371 5.39 -1.27 -21.89
C MET A 371 5.28 -2.71 -21.35
N ASP A 372 6.23 -3.09 -20.50
CA ASP A 372 6.14 -4.34 -19.70
C ASP A 372 4.96 -4.21 -18.73
N ARG A 373 4.47 -5.33 -18.24
CA ARG A 373 3.29 -5.41 -17.34
C ARG A 373 3.55 -4.63 -16.04
N ASP A 374 4.79 -4.66 -15.54
CA ASP A 374 5.18 -3.99 -14.27
C ASP A 374 4.97 -2.46 -14.40
N VAL A 375 5.25 -1.90 -15.57
CA VAL A 375 5.14 -0.43 -15.83
C VAL A 375 3.68 -0.02 -15.68
N LEU A 376 2.76 -0.83 -16.21
CA LEU A 376 1.30 -0.54 -16.14
C LEU A 376 0.88 -0.53 -14.66
N GLY A 377 1.37 -1.47 -13.87
CA GLY A 377 1.13 -1.52 -12.41
C GLY A 377 1.53 -0.22 -11.74
N SER A 378 2.71 0.30 -12.10
CA SER A 378 3.29 1.56 -11.57
C SER A 378 2.44 2.78 -11.99
N LEU A 379 1.77 2.74 -13.14
CA LEU A 379 0.93 3.86 -13.65
C LEU A 379 -0.45 3.84 -12.99
N TYR A 380 -0.90 2.67 -12.51
CA TYR A 380 -2.34 2.33 -12.36
C TYR A 380 -3.02 3.18 -11.28
N LEU A 381 -2.35 3.48 -10.16
CA LEU A 381 -2.93 4.27 -9.04
C LEU A 381 -2.52 5.75 -9.13
N GLY A 382 -1.77 6.16 -10.16
CA GLY A 382 -1.41 7.58 -10.41
C GLY A 382 -0.14 8.05 -9.71
N ALA A 383 0.63 7.16 -9.05
CA ALA A 383 1.84 7.53 -8.26
C ALA A 383 3.03 7.87 -9.16
N HIS A 384 3.08 7.33 -10.38
CA HIS A 384 4.18 7.57 -11.35
C HIS A 384 3.59 8.15 -12.63
N ARG A 385 4.28 9.12 -13.24
CA ARG A 385 3.87 9.78 -14.50
C ARG A 385 4.41 8.97 -15.69
N ALA A 386 3.57 8.73 -16.70
CA ALA A 386 3.95 8.07 -17.97
C ALA A 386 5.20 8.74 -18.56
N SER A 387 5.26 10.08 -18.52
CA SER A 387 6.40 10.89 -19.04
C SER A 387 7.71 10.46 -18.37
N THR A 388 7.71 10.27 -17.06
CA THR A 388 8.89 9.90 -16.26
C THR A 388 9.37 8.50 -16.70
N LEU A 389 8.44 7.56 -16.84
CA LEU A 389 8.75 6.16 -17.25
C LEU A 389 9.20 6.14 -18.72
N ALA A 390 8.60 7.00 -19.56
CA ALA A 390 8.99 7.19 -20.97
C ALA A 390 10.43 7.68 -21.05
N ALA A 391 10.83 8.61 -20.19
CA ALA A 391 12.19 9.20 -20.19
C ALA A 391 13.22 8.12 -19.82
N ALA A 392 12.82 7.06 -19.09
CA ALA A 392 13.68 5.90 -18.77
C ALA A 392 13.53 4.82 -19.85
N ASN A 393 12.64 5.02 -20.82
CA ASN A 393 12.35 4.08 -21.93
C ASN A 393 11.69 2.80 -21.39
N ARG A 394 11.04 2.86 -20.22
CA ARG A 394 10.23 1.73 -19.68
C ARG A 394 8.88 1.71 -20.41
N LEU A 395 8.60 2.80 -21.12
CA LEU A 395 7.32 3.07 -21.82
C LEU A 395 7.66 3.75 -23.14
N ARG A 396 7.36 3.08 -24.26
CA ARG A 396 7.79 3.49 -25.62
C ARG A 396 6.59 4.04 -26.40
N THR A 397 6.76 5.23 -26.96
CA THR A 397 5.83 5.83 -27.94
C THR A 397 6.62 6.84 -28.79
N LYS A 398 6.14 7.13 -30.00
CA LYS A 398 6.76 8.11 -30.93
C LYS A 398 5.93 9.40 -30.92
N ASP A 399 4.87 9.45 -30.10
CA ASP A 399 3.91 10.59 -30.01
C ASP A 399 3.95 11.19 -28.60
N SER A 400 4.50 12.40 -28.46
CA SER A 400 4.65 13.10 -27.15
C SER A 400 3.30 13.68 -26.71
N GLN A 401 2.39 13.99 -27.65
CA GLN A 401 0.99 14.40 -27.34
C GLN A 401 0.27 13.26 -26.60
N LEU A 402 0.43 12.03 -27.07
CA LEU A 402 -0.19 10.82 -26.45
C LEU A 402 0.32 10.66 -25.02
N LEU A 403 1.62 10.94 -24.81
CA LEU A 403 2.29 10.88 -23.49
C LEU A 403 1.64 11.88 -22.52
N ARG A 404 1.46 13.13 -22.94
CA ARG A 404 0.78 14.17 -22.12
C ARG A 404 -0.62 13.68 -21.76
N ARG A 405 -1.33 13.09 -22.74
CA ARG A 405 -2.73 12.63 -22.55
C ARG A 405 -2.79 11.48 -21.55
N LEU A 406 -1.87 10.52 -21.65
CA LEU A 406 -1.78 9.38 -20.69
C LEU A 406 -1.50 9.91 -19.28
N ASP A 407 -0.48 10.78 -19.16
CA ASP A 407 -0.11 11.46 -17.89
C ASP A 407 -1.35 12.00 -17.20
N ALA A 408 -2.13 12.84 -17.90
CA ALA A 408 -3.30 13.56 -17.37
C ALA A 408 -4.43 12.57 -17.04
N ALA A 409 -4.68 11.60 -17.94
CA ALA A 409 -5.80 10.65 -17.80
C ALA A 409 -5.59 9.75 -16.57
N PHE A 410 -4.37 9.22 -16.39
CA PHE A 410 -4.04 8.21 -15.34
C PHE A 410 -3.77 8.90 -14.00
N ALA A 411 -3.49 10.21 -14.00
CA ALA A 411 -3.31 11.02 -12.78
C ALA A 411 -4.51 10.81 -11.86
N SER A 412 -4.27 10.78 -10.55
CA SER A 412 -5.32 10.60 -9.52
C SER A 412 -5.62 11.95 -8.87
N ASP A 413 -6.91 12.30 -8.85
CA ASP A 413 -7.44 13.55 -8.24
C ASP A 413 -7.16 13.52 -6.72
N VAL A 414 -7.51 12.42 -6.05
CA VAL A 414 -7.17 12.15 -4.62
C VAL A 414 -5.78 11.50 -4.57
N PRO A 415 -4.82 12.07 -3.82
CA PRO A 415 -3.46 11.53 -3.78
C PRO A 415 -3.44 10.06 -3.33
N VAL A 416 -2.61 9.24 -3.97
CA VAL A 416 -2.49 7.79 -3.63
C VAL A 416 -1.70 7.67 -2.32
N GLN A 417 -2.19 6.81 -1.43
CA GLN A 417 -1.64 6.58 -0.07
C GLN A 417 -1.45 5.06 0.10
N THR A 418 -0.79 4.66 1.18
CA THR A 418 -0.50 3.24 1.49
C THR A 418 -1.26 2.87 2.76
N ALA A 419 -2.06 1.80 2.70
CA ALA A 419 -3.02 1.41 3.76
C ALA A 419 -2.27 0.78 4.93
N PHE A 420 -1.77 -0.43 4.74
CA PHE A 420 -1.02 -1.19 5.78
C PHE A 420 -0.23 -2.27 5.07
N GLU A 421 0.92 -2.62 5.64
CA GLU A 421 1.84 -3.64 5.07
C GLU A 421 1.25 -5.02 5.38
N PHE A 422 1.52 -5.96 4.47
CA PHE A 422 1.14 -7.38 4.59
C PHE A 422 2.25 -8.20 3.91
#